data_3P5D
#
_entry.id   3P5D
#
_cell.length_a   79.34
_cell.length_b   79.34
_cell.length_c   89.67
_cell.angle_alpha   90.00
_cell.angle_beta   90.00
_cell.angle_gamma   90.00
#
_symmetry.space_group_name_H-M   'P 42'
#
loop_
_entity.id
_entity.type
_entity.pdbx_description
1 polymer 'C-type lectin domain family 4 member K'
2 branched alpha-D-mannopyranose-(1-3)-alpha-D-mannopyranose
3 non-polymer 'CALCIUM ION'
4 non-polymer alpha-D-mannopyranose
5 water water
#
_entity_poly.entity_id   1
_entity_poly.type   'polypeptide(L)'
_entity_poly.pdbx_seq_one_letter_code
;QVVSQGWKYFKGNFYYFSLIPKTWYSAEQFCVSRNSHLTSVTSESEQEFLYKTAGGLIYWIGLTKAGMEGDWSWVDDTPF
NKVQSARFWIPGEPNNAGNNEHCGNIKAPSLQAWNDAPCDKTFLFICKRPYVPSEP
;
_entity_poly.pdbx_strand_id   A,B,C,D
#
loop_
_chem_comp.id
_chem_comp.type
_chem_comp.name
_chem_comp.formula
CA non-polymer 'CALCIUM ION' 'Ca 2'
MAN D-saccharide, alpha linking alpha-D-mannopyranose 'C6 H12 O6'
#
# COMPACT_ATOMS: atom_id res chain seq x y z
N GLY A 6 19.05 15.81 14.73
CA GLY A 6 19.86 16.16 13.58
C GLY A 6 19.07 16.21 12.29
N TRP A 7 17.75 16.21 12.39
CA TRP A 7 16.89 16.28 11.21
C TRP A 7 16.89 17.69 10.62
N LYS A 8 17.02 17.78 9.30
CA LYS A 8 16.96 19.05 8.60
C LYS A 8 15.59 19.30 8.00
N TYR A 9 15.12 20.55 8.05
CA TYR A 9 13.76 20.89 7.61
C TYR A 9 13.68 21.54 6.24
N PHE A 10 12.81 21.02 5.39
CA PHE A 10 12.60 21.60 4.08
C PHE A 10 11.19 21.35 3.58
N LYS A 11 10.47 22.43 3.31
CA LYS A 11 9.13 22.40 2.70
C LYS A 11 8.21 21.33 3.26
N GLY A 12 7.99 21.35 4.58
CA GLY A 12 7.01 20.47 5.18
C GLY A 12 7.47 19.07 5.51
N ASN A 13 8.75 18.78 5.28
CA ASN A 13 9.34 17.50 5.64
C ASN A 13 10.65 17.68 6.38
N PHE A 14 10.94 16.72 7.26
CA PHE A 14 12.24 16.61 7.93
C PHE A 14 13.05 15.52 7.26
N TYR A 15 14.36 15.73 7.18
CA TYR A 15 15.27 14.82 6.50
C TYR A 15 16.43 14.46 7.42
N TYR A 16 16.81 13.19 7.38
CA TYR A 16 17.92 12.69 8.18
C TYR A 16 19.00 12.20 7.23
N PHE A 17 20.14 12.87 7.25
CA PHE A 17 21.31 12.43 6.49
C PHE A 17 22.19 11.58 7.39
N SER A 18 22.21 10.27 7.16
CA SER A 18 22.86 9.36 8.10
C SER A 18 24.35 9.58 8.19
N LEU A 19 24.93 9.15 9.31
CA LEU A 19 26.37 9.25 9.53
C LEU A 19 27.01 7.87 9.38
N ILE A 20 26.16 6.85 9.33
CA ILE A 20 26.63 5.47 9.18
C ILE A 20 26.02 4.85 7.93
N PRO A 21 26.84 4.10 7.16
CA PRO A 21 26.34 3.51 5.92
C PRO A 21 25.64 2.17 6.15
N LYS A 22 24.66 1.87 5.29
CA LYS A 22 23.91 0.62 5.36
C LYS A 22 23.51 0.17 3.94
N THR A 23 23.16 -1.10 3.78
CA THR A 23 22.54 -1.54 2.55
C THR A 23 21.23 -0.77 2.38
N TRP A 24 20.69 -0.78 1.15
CA TRP A 24 19.45 -0.06 0.88
C TRP A 24 18.34 -0.47 1.83
N TYR A 25 18.12 -1.77 1.98
CA TYR A 25 17.02 -2.22 2.82
C TYR A 25 17.27 -1.99 4.31
N SER A 26 18.49 -2.18 4.77
CA SER A 26 18.74 -1.93 6.19
C SER A 26 18.55 -0.44 6.47
N ALA A 27 18.94 0.38 5.51
CA ALA A 27 18.68 1.83 5.57
C ALA A 27 17.19 2.10 5.70
N GLU A 28 16.39 1.52 4.81
CA GLU A 28 14.94 1.73 4.85
C GLU A 28 14.36 1.31 6.20
N GLN A 29 14.81 0.18 6.72
CA GLN A 29 14.34 -0.29 8.01
C GLN A 29 14.70 0.70 9.11
N PHE A 30 15.87 1.30 9.00
CA PHE A 30 16.25 2.33 9.97
C PHE A 30 15.28 3.49 9.87
N CYS A 31 15.02 3.96 8.65
CA CYS A 31 14.07 5.07 8.49
C CYS A 31 12.71 4.70 9.06
N VAL A 32 12.26 3.49 8.76
CA VAL A 32 10.93 3.05 9.22
C VAL A 32 10.86 3.05 10.74
N SER A 33 11.96 2.67 11.39
CA SER A 33 12.01 2.68 12.85
C SER A 33 11.97 4.09 13.41
N ARG A 34 12.26 5.07 12.58
CA ARG A 34 12.16 6.46 13.00
C ARG A 34 10.93 7.14 12.39
N ASN A 35 9.92 6.34 12.05
CA ASN A 35 8.68 6.89 11.53
C ASN A 35 8.87 7.65 10.23
N SER A 36 9.73 7.13 9.37
CA SER A 36 10.06 7.80 8.12
C SER A 36 10.31 6.76 7.04
N HIS A 37 10.78 7.22 5.88
CA HIS A 37 11.12 6.34 4.77
C HIS A 37 12.33 6.94 4.08
N LEU A 38 13.08 6.11 3.37
CA LEU A 38 14.08 6.65 2.46
C LEU A 38 13.41 7.67 1.55
N THR A 39 14.07 8.79 1.30
CA THR A 39 13.37 9.93 0.70
C THR A 39 12.93 9.75 -0.74
N SER A 40 11.75 10.29 -1.04
CA SER A 40 11.33 10.48 -2.41
C SER A 40 11.85 11.83 -2.88
N VAL A 41 11.77 12.06 -4.19
CA VAL A 41 12.18 13.34 -4.78
C VAL A 41 11.12 13.73 -5.78
N THR A 42 10.44 14.85 -5.53
CA THR A 42 9.24 15.18 -6.28
C THR A 42 9.26 16.57 -6.94
N SER A 43 10.36 17.30 -6.79
CA SER A 43 10.49 18.57 -7.49
C SER A 43 11.96 18.89 -7.72
N GLU A 44 12.22 19.85 -8.59
CA GLU A 44 13.59 20.32 -8.79
C GLU A 44 14.14 20.93 -7.50
N SER A 45 13.31 21.64 -6.75
CA SER A 45 13.77 22.28 -5.52
C SER A 45 14.15 21.25 -4.44
N GLU A 46 13.43 20.13 -4.41
CA GLU A 46 13.80 19.06 -3.46
C GLU A 46 15.09 18.36 -3.91
N GLN A 47 15.19 18.08 -5.20
CA GLN A 47 16.41 17.48 -5.73
C GLN A 47 17.59 18.37 -5.36
N GLU A 48 17.42 19.68 -5.51
CA GLU A 48 18.49 20.63 -5.25
C GLU A 48 18.87 20.65 -3.76
N PHE A 49 17.85 20.69 -2.89
CA PHE A 49 18.09 20.64 -1.46
C PHE A 49 18.88 19.37 -1.09
N LEU A 50 18.47 18.24 -1.65
CA LEU A 50 19.08 16.97 -1.33
C LEU A 50 20.54 16.88 -1.80
N TYR A 51 20.80 17.20 -3.07
CA TYR A 51 22.15 16.99 -3.60
C TYR A 51 23.10 18.02 -3.01
N LYS A 52 22.61 19.23 -2.80
CA LYS A 52 23.43 20.24 -2.14
C LYS A 52 23.75 19.84 -0.71
N THR A 53 22.77 19.33 0.01
CA THR A 53 23.02 18.94 1.39
C THR A 53 23.94 17.72 1.48
N ALA A 54 23.83 16.82 0.51
CA ALA A 54 24.67 15.62 0.45
C ALA A 54 26.16 15.98 0.31
N GLY A 55 26.43 17.18 -0.20
CA GLY A 55 27.80 17.67 -0.25
C GLY A 55 28.81 16.78 -0.97
N GLY A 56 28.37 16.14 -2.05
CA GLY A 56 29.26 15.31 -2.84
C GLY A 56 29.45 13.87 -2.39
N LEU A 57 28.78 13.47 -1.32
CA LEU A 57 28.82 12.09 -0.86
C LEU A 57 27.61 11.33 -1.42
N ILE A 58 27.74 10.00 -1.50
CA ILE A 58 26.67 9.15 -2.04
C ILE A 58 25.70 8.73 -0.94
N TYR A 59 24.41 8.92 -1.18
CA TYR A 59 23.36 8.56 -0.23
C TYR A 59 22.29 7.76 -0.90
N TRP A 60 21.90 6.64 -0.29
CA TRP A 60 20.70 5.95 -0.72
C TRP A 60 19.51 6.89 -0.62
N ILE A 61 18.64 6.84 -1.63
CA ILE A 61 17.32 7.47 -1.52
C ILE A 61 16.25 6.39 -1.76
N GLY A 62 14.98 6.79 -1.82
CA GLY A 62 13.88 5.83 -1.79
C GLY A 62 13.57 5.16 -3.12
N LEU A 63 14.49 5.25 -4.08
CA LEU A 63 14.30 4.64 -5.39
C LEU A 63 14.49 3.14 -5.37
N THR A 64 13.51 2.41 -5.88
CA THR A 64 13.68 0.97 -6.01
C THR A 64 12.72 0.41 -7.07
N LYS A 65 12.96 -0.80 -7.57
CA LYS A 65 12.09 -1.35 -8.61
C LYS A 65 10.80 -2.01 -8.11
N ALA A 66 9.75 -1.91 -8.91
CA ALA A 66 8.47 -2.56 -8.64
C ALA A 66 7.86 -3.11 -9.94
N GLY A 67 7.08 -4.18 -9.82
CA GLY A 67 6.46 -4.80 -10.98
C GLY A 67 7.41 -5.63 -11.81
N MET A 68 6.86 -6.56 -12.59
CA MET A 68 7.64 -7.44 -13.45
C MET A 68 8.54 -6.64 -14.38
N GLU A 69 8.06 -5.48 -14.80
CA GLU A 69 8.71 -4.73 -15.87
C GLU A 69 9.93 -3.92 -15.40
N GLY A 70 10.23 -4.01 -14.10
CA GLY A 70 11.37 -3.30 -13.53
C GLY A 70 11.19 -1.80 -13.50
N ASP A 71 9.95 -1.35 -13.32
CA ASP A 71 9.70 0.09 -13.26
C ASP A 71 10.22 0.64 -11.95
N TRP A 72 10.75 1.85 -12.00
CA TRP A 72 11.21 2.49 -10.78
C TRP A 72 10.02 2.97 -9.98
N SER A 73 10.21 3.05 -8.68
CA SER A 73 9.14 3.40 -7.76
C SER A 73 9.77 4.05 -6.53
N TRP A 74 8.94 4.69 -5.72
CA TRP A 74 9.39 5.26 -4.46
C TRP A 74 8.89 4.39 -3.31
N VAL A 75 9.77 4.10 -2.37
CA VAL A 75 9.37 3.23 -1.26
C VAL A 75 8.30 3.89 -0.37
N ASP A 76 8.21 5.21 -0.39
CA ASP A 76 7.20 5.88 0.45
C ASP A 76 5.83 5.92 -0.25
N ASP A 77 5.77 5.28 -1.42
CA ASP A 77 4.53 5.14 -2.19
C ASP A 77 4.09 6.36 -2.99
N THR A 78 4.89 7.40 -3.00
CA THR A 78 4.72 8.47 -3.98
C THR A 78 4.75 7.83 -5.36
N PRO A 79 3.72 8.08 -6.18
CA PRO A 79 3.78 7.56 -7.55
C PRO A 79 5.01 8.07 -8.27
N PHE A 80 5.70 7.18 -8.98
CA PHE A 80 6.87 7.54 -9.71
C PHE A 80 6.52 8.12 -11.09
N ASN A 81 6.99 9.34 -11.36
CA ASN A 81 6.69 10.04 -12.62
C ASN A 81 7.88 9.97 -13.59
N LYS A 82 7.83 9.02 -14.52
CA LYS A 82 8.95 8.79 -15.43
C LYS A 82 9.32 10.05 -16.21
N VAL A 83 8.32 10.80 -16.64
CA VAL A 83 8.55 11.98 -17.46
C VAL A 83 9.19 13.10 -16.65
N GLN A 84 8.61 13.39 -15.49
CA GLN A 84 9.11 14.48 -14.67
C GLN A 84 10.45 14.14 -13.98
N SER A 85 10.79 12.86 -13.88
CA SER A 85 12.03 12.47 -13.19
CA SER A 85 12.02 12.48 -13.19
C SER A 85 13.20 12.28 -14.14
N ALA A 86 12.92 12.23 -15.43
CA ALA A 86 13.97 12.01 -16.44
C ALA A 86 15.17 12.93 -16.24
N ARG A 87 14.91 14.17 -15.85
CA ARG A 87 15.94 15.18 -15.71
C ARG A 87 16.83 14.97 -14.47
N PHE A 88 16.52 13.97 -13.66
CA PHE A 88 17.21 13.77 -12.38
C PHE A 88 18.28 12.67 -12.35
N TRP A 89 18.30 11.79 -13.36
CA TRP A 89 19.33 10.76 -13.44
C TRP A 89 20.62 11.34 -14.01
N ILE A 90 21.75 10.78 -13.56
CA ILE A 90 23.04 10.98 -14.23
C ILE A 90 22.99 10.43 -15.66
N PRO A 91 23.51 11.19 -16.63
CA PRO A 91 23.50 10.73 -18.03
C PRO A 91 24.02 9.30 -18.17
N GLY A 92 23.22 8.42 -18.79
CA GLY A 92 23.58 7.02 -18.90
C GLY A 92 22.86 6.12 -17.92
N GLU A 93 22.31 6.73 -16.87
CA GLU A 93 21.58 5.98 -15.85
C GLU A 93 20.08 6.19 -16.03
N PRO A 94 19.27 5.22 -15.57
CA PRO A 94 19.71 3.96 -14.95
C PRO A 94 20.23 3.02 -16.03
N ASN A 95 21.38 2.39 -15.80
CA ASN A 95 21.94 1.51 -16.80
C ASN A 95 21.80 0.04 -16.46
N ASN A 96 21.35 -0.23 -15.24
CA ASN A 96 21.23 -1.59 -14.75
C ASN A 96 22.49 -2.41 -15.01
N ALA A 97 23.58 -2.03 -14.36
CA ALA A 97 24.88 -2.67 -14.54
C ALA A 97 24.97 -4.03 -13.85
N GLY A 98 25.52 -5.02 -14.57
CA GLY A 98 25.61 -6.37 -14.06
C GLY A 98 24.23 -7.00 -13.92
N ASN A 99 23.24 -6.39 -14.56
CA ASN A 99 21.84 -6.75 -14.36
C ASN A 99 21.49 -6.94 -12.89
N ASN A 100 21.95 -6.02 -12.05
CA ASN A 100 21.79 -6.19 -10.61
C ASN A 100 21.71 -4.86 -9.85
N GLU A 101 21.16 -3.83 -10.50
CA GLU A 101 21.04 -2.53 -9.86
C GLU A 101 19.58 -2.14 -9.76
N HIS A 102 18.97 -2.50 -8.63
CA HIS A 102 17.53 -2.38 -8.47
C HIS A 102 17.13 -1.36 -7.40
N CYS A 103 18.11 -0.60 -6.93
CA CYS A 103 17.89 0.50 -5.97
C CYS A 103 18.62 1.72 -6.48
N GLY A 104 18.26 2.90 -5.97
CA GLY A 104 18.83 4.13 -6.49
C GLY A 104 19.40 5.03 -5.41
N ASN A 105 20.47 5.74 -5.73
CA ASN A 105 21.06 6.69 -4.80
C ASN A 105 21.28 8.06 -5.42
N ILE A 106 21.53 9.06 -4.58
CA ILE A 106 22.05 10.35 -5.04
C ILE A 106 23.57 10.24 -5.09
N LYS A 107 24.13 10.43 -6.29
CA LYS A 107 25.58 10.22 -6.51
C LYS A 107 26.31 11.51 -6.91
N ALA A 108 25.88 12.15 -8.00
CA ALA A 108 26.54 13.36 -8.48
C ALA A 108 25.93 14.63 -7.87
N PRO A 109 26.77 15.57 -7.42
CA PRO A 109 26.19 16.84 -6.96
C PRO A 109 25.79 17.69 -8.16
N SER A 110 24.67 17.31 -8.77
CA SER A 110 24.15 17.96 -9.96
C SER A 110 22.65 17.71 -9.95
N LEU A 111 21.87 18.49 -10.69
CA LEU A 111 20.46 18.18 -10.79
C LEU A 111 20.33 16.78 -11.39
N GLN A 112 21.29 16.42 -12.24
CA GLN A 112 21.35 15.07 -12.76
C GLN A 112 22.22 14.25 -11.82
N ALA A 113 21.56 13.71 -10.80
CA ALA A 113 22.23 13.20 -9.61
C ALA A 113 22.15 11.70 -9.42
N TRP A 114 21.07 11.07 -9.90
CA TRP A 114 20.80 9.70 -9.52
C TRP A 114 21.60 8.63 -10.26
N ASN A 115 21.95 7.57 -9.54
CA ASN A 115 22.51 6.35 -10.13
C ASN A 115 21.76 5.15 -9.59
N ASP A 116 21.58 4.14 -10.43
CA ASP A 116 21.12 2.85 -9.94
C ASP A 116 22.34 2.00 -9.55
N ALA A 117 22.27 1.40 -8.37
CA ALA A 117 23.38 0.62 -7.79
C ALA A 117 22.83 -0.66 -7.17
N PRO A 118 23.69 -1.66 -6.91
CA PRO A 118 23.21 -2.89 -6.29
C PRO A 118 22.67 -2.63 -4.88
N CYS A 119 21.50 -3.17 -4.59
CA CYS A 119 20.84 -2.93 -3.31
C CYS A 119 21.67 -3.36 -2.11
N ASP A 120 22.62 -4.28 -2.31
CA ASP A 120 23.40 -4.78 -1.19
C ASP A 120 24.68 -3.99 -0.88
N LYS A 121 24.95 -2.97 -1.68
CA LYS A 121 26.06 -2.06 -1.39
C LYS A 121 25.71 -1.17 -0.21
N THR A 122 26.71 -0.82 0.59
CA THR A 122 26.47 0.04 1.75
C THR A 122 26.83 1.49 1.43
N PHE A 123 25.92 2.39 1.74
CA PHE A 123 26.13 3.84 1.55
C PHE A 123 25.43 4.54 2.70
N LEU A 124 25.83 5.78 2.95
CA LEU A 124 25.02 6.66 3.77
C LEU A 124 23.64 6.76 3.12
N PHE A 125 22.65 7.27 3.86
CA PHE A 125 21.27 7.26 3.38
C PHE A 125 20.49 8.46 3.91
N ILE A 126 19.36 8.76 3.26
CA ILE A 126 18.53 9.90 3.64
C ILE A 126 17.08 9.49 3.91
N CYS A 127 16.64 9.68 5.17
CA CYS A 127 15.24 9.47 5.53
C CYS A 127 14.46 10.77 5.38
N LYS A 128 13.17 10.63 5.11
CA LYS A 128 12.26 11.76 4.92
C LYS A 128 11.02 11.49 5.77
N ARG A 129 10.67 12.47 6.61
CA ARG A 129 9.52 12.33 7.51
C ARG A 129 8.65 13.57 7.39
N PRO A 130 7.36 13.40 7.14
CA PRO A 130 6.51 14.59 7.04
C PRO A 130 6.34 15.28 8.39
N TYR A 131 6.17 16.59 8.38
CA TYR A 131 5.73 17.29 9.58
C TYR A 131 4.21 17.33 9.56
N VAL A 132 3.58 16.89 10.64
CA VAL A 132 2.14 17.01 10.71
C VAL A 132 1.72 18.00 11.81
N PRO A 133 1.37 19.24 11.41
CA PRO A 133 0.97 20.26 12.39
C PRO A 133 -0.25 19.80 13.18
N GLY B 6 -17.38 -3.48 22.29
CA GLY B 6 -18.30 -4.36 21.59
C GLY B 6 -17.61 -5.25 20.57
N TRP B 7 -16.29 -5.12 20.46
CA TRP B 7 -15.52 -5.96 19.55
C TRP B 7 -15.57 -7.44 19.94
N LYS B 8 -15.86 -8.30 18.96
CA LYS B 8 -15.86 -9.75 19.18
C LYS B 8 -14.53 -10.35 18.78
N TYR B 9 -14.13 -11.44 19.43
CA TYR B 9 -12.79 -11.99 19.21
C TYR B 9 -12.80 -13.33 18.50
N PHE B 10 -11.91 -13.49 17.52
CA PHE B 10 -11.80 -14.77 16.83
C PHE B 10 -10.45 -14.93 16.17
N LYS B 11 -9.74 -15.98 16.58
CA LYS B 11 -8.45 -16.35 16.00
C LYS B 11 -7.52 -15.18 15.72
N GLY B 12 -7.25 -14.39 16.76
CA GLY B 12 -6.23 -13.37 16.69
C GLY B 12 -6.68 -12.02 16.16
N ASN B 13 -7.97 -11.90 15.84
CA ASN B 13 -8.55 -10.67 15.34
C ASN B 13 -9.77 -10.26 16.17
N PHE B 14 -10.02 -8.96 16.25
CA PHE B 14 -11.23 -8.42 16.85
C PHE B 14 -12.13 -7.92 15.73
N TYR B 15 -13.44 -8.06 15.92
CA TYR B 15 -14.42 -7.65 14.90
C TYR B 15 -15.51 -6.76 15.48
N TYR B 16 -15.95 -5.79 14.68
CA TYR B 16 -17.00 -4.87 15.10
C TYR B 16 -18.16 -5.01 14.13
N PHE B 17 -19.28 -5.50 14.63
CA PHE B 17 -20.50 -5.56 13.83
C PHE B 17 -21.29 -4.29 14.11
N SER B 18 -21.50 -3.46 13.09
CA SER B 18 -22.06 -2.14 13.34
C SER B 18 -23.55 -2.19 13.61
N LEU B 19 -24.05 -1.13 14.23
CA LEU B 19 -25.47 -1.01 14.55
C LEU B 19 -26.14 0.03 13.65
N ILE B 20 -25.33 0.80 12.96
CA ILE B 20 -25.78 1.85 12.04
C ILE B 20 -25.29 1.49 10.63
N PRO B 21 -26.15 1.65 9.62
CA PRO B 21 -25.78 1.34 8.23
C PRO B 21 -25.06 2.52 7.59
N LYS B 22 -24.18 2.24 6.63
CA LYS B 22 -23.39 3.27 5.96
C LYS B 22 -23.07 2.82 4.54
N THR B 23 -22.66 3.75 3.68
CA THR B 23 -22.17 3.38 2.37
C THR B 23 -20.89 2.59 2.61
N TRP B 24 -20.41 1.89 1.61
CA TRP B 24 -19.20 1.08 1.79
C TRP B 24 -18.04 1.95 2.24
N TYR B 25 -17.87 3.10 1.59
CA TYR B 25 -16.73 3.95 1.89
C TYR B 25 -16.87 4.66 3.23
N SER B 26 -18.06 5.16 3.53
CA SER B 26 -18.23 5.78 4.82
C SER B 26 -18.03 4.75 5.93
N ALA B 27 -18.36 3.49 5.63
CA ALA B 27 -18.13 2.40 6.58
C ALA B 27 -16.63 2.16 6.77
N GLU B 28 -15.91 2.03 5.65
CA GLU B 28 -14.47 1.86 5.72
C GLU B 28 -13.81 3.01 6.50
N GLN B 29 -14.25 4.24 6.27
CA GLN B 29 -13.69 5.36 7.02
C GLN B 29 -13.97 5.27 8.51
N PHE B 30 -15.15 4.78 8.85
CA PHE B 30 -15.46 4.54 10.26
C PHE B 30 -14.51 3.51 10.83
N CYS B 31 -14.31 2.40 10.11
CA CYS B 31 -13.38 1.38 10.57
C CYS B 31 -11.99 1.98 10.79
N VAL B 32 -11.54 2.78 9.83
CA VAL B 32 -10.18 3.32 9.90
C VAL B 32 -10.03 4.25 11.11
N SER B 33 -11.10 4.98 11.43
CA SER B 33 -11.10 5.84 12.61
C SER B 33 -10.98 5.01 13.88
N ARG B 34 -11.30 3.72 13.80
CA ARG B 34 -11.19 2.84 14.94
C ARG B 34 -9.98 1.91 14.76
N ASN B 35 -9.03 2.34 13.95
CA ASN B 35 -7.81 1.58 13.72
C ASN B 35 -8.08 0.17 13.20
N SER B 36 -9.00 0.08 12.24
CA SER B 36 -9.34 -1.19 11.62
C SER B 36 -9.69 -0.97 10.15
N HIS B 37 -10.16 -2.03 9.49
CA HIS B 37 -10.62 -1.95 8.11
C HIS B 37 -11.87 -2.81 7.99
N LEU B 38 -12.64 -2.60 6.93
CA LEU B 38 -13.71 -3.54 6.65
C LEU B 38 -13.08 -4.93 6.52
N THR B 39 -13.75 -5.94 7.04
CA THR B 39 -13.09 -7.22 7.26
C THR B 39 -12.72 -7.98 5.99
N SER B 40 -11.54 -8.59 6.02
CA SER B 40 -11.19 -9.59 5.02
C SER B 40 -11.69 -10.95 5.51
N VAL B 41 -11.69 -11.95 4.62
CA VAL B 41 -12.11 -13.30 4.95
C VAL B 41 -11.14 -14.28 4.32
N THR B 42 -10.40 -15.02 5.15
CA THR B 42 -9.27 -15.78 4.65
C THR B 42 -9.31 -17.28 4.98
N SER B 43 -10.43 -17.74 5.55
CA SER B 43 -10.59 -19.15 5.84
C SER B 43 -12.07 -19.51 6.01
N GLU B 44 -12.37 -20.80 5.86
CA GLU B 44 -13.73 -21.28 6.10
C GLU B 44 -14.20 -20.97 7.51
N SER B 45 -13.35 -21.18 8.50
CA SER B 45 -13.78 -20.92 9.86
C SER B 45 -14.10 -19.45 10.07
N GLU B 46 -13.36 -18.56 9.40
CA GLU B 46 -13.62 -17.14 9.55
C GLU B 46 -14.92 -16.76 8.87
N GLN B 47 -15.12 -17.30 7.66
CA GLN B 47 -16.36 -17.09 6.93
C GLN B 47 -17.52 -17.56 7.78
N GLU B 48 -17.35 -18.71 8.43
CA GLU B 48 -18.39 -19.27 9.31
C GLU B 48 -18.67 -18.36 10.51
N PHE B 49 -17.61 -17.94 11.20
CA PHE B 49 -17.77 -17.00 12.30
C PHE B 49 -18.58 -15.79 11.85
N LEU B 50 -18.25 -15.27 10.67
CA LEU B 50 -18.87 -14.03 10.21
C LEU B 50 -20.35 -14.18 9.81
N TYR B 51 -20.68 -15.19 9.00
CA TYR B 51 -22.06 -15.31 8.55
C TYR B 51 -22.95 -15.71 9.71
N LYS B 52 -22.44 -16.58 10.58
CA LYS B 52 -23.21 -16.97 11.75
C LYS B 52 -23.45 -15.81 12.68
N THR B 53 -22.43 -15.00 12.93
CA THR B 53 -22.60 -13.82 13.77
C THR B 53 -23.50 -12.76 13.12
N ALA B 54 -23.45 -12.65 11.79
CA ALA B 54 -24.29 -11.70 11.06
C ALA B 54 -25.77 -11.99 11.22
N GLY B 55 -26.11 -13.25 11.48
CA GLY B 55 -27.45 -13.63 11.86
C GLY B 55 -28.49 -13.27 10.79
N GLY B 56 -28.07 -13.34 9.53
CA GLY B 56 -29.00 -13.19 8.43
C GLY B 56 -29.23 -11.78 7.96
N LEU B 57 -28.52 -10.83 8.58
CA LEU B 57 -28.52 -9.44 8.11
C LEU B 57 -27.34 -9.19 7.16
N ILE B 58 -27.51 -8.20 6.29
CA ILE B 58 -26.51 -7.85 5.29
C ILE B 58 -25.48 -6.88 5.87
N TYR B 59 -24.20 -7.25 5.76
CA TYR B 59 -23.12 -6.42 6.29
C TYR B 59 -22.07 -6.19 5.20
N TRP B 60 -21.68 -4.95 4.99
CA TRP B 60 -20.53 -4.67 4.13
C TRP B 60 -19.32 -5.39 4.69
N ILE B 61 -18.52 -5.99 3.81
CA ILE B 61 -17.19 -6.45 4.18
C ILE B 61 -16.14 -5.76 3.29
N GLY B 62 -14.87 -6.09 3.46
CA GLY B 62 -13.81 -5.32 2.82
C GLY B 62 -13.54 -5.64 1.35
N LEU B 63 -14.52 -6.25 0.69
CA LEU B 63 -14.44 -6.60 -0.73
C LEU B 63 -14.63 -5.38 -1.61
N THR B 64 -13.68 -5.15 -2.52
CA THR B 64 -13.84 -4.04 -3.46
C THR B 64 -12.93 -4.27 -4.67
N LYS B 65 -13.23 -3.59 -5.77
CA LYS B 65 -12.46 -3.79 -7.00
C LYS B 65 -11.20 -2.93 -7.03
N ALA B 66 -10.16 -3.48 -7.65
CA ALA B 66 -8.89 -2.78 -7.84
C ALA B 66 -8.30 -3.20 -9.17
N GLY B 67 -7.42 -2.36 -9.72
CA GLY B 67 -6.83 -2.63 -11.02
C GLY B 67 -7.80 -2.50 -12.18
N MET B 68 -7.27 -2.40 -13.38
CA MET B 68 -8.07 -2.13 -14.57
C MET B 68 -8.99 -3.30 -14.92
N GLU B 69 -8.53 -4.52 -14.65
CA GLU B 69 -9.30 -5.71 -14.96
C GLU B 69 -10.52 -5.91 -14.06
N GLY B 70 -10.56 -5.16 -12.95
CA GLY B 70 -11.70 -5.23 -12.05
C GLY B 70 -11.65 -6.47 -11.17
N ASP B 71 -10.44 -6.88 -10.81
CA ASP B 71 -10.27 -8.01 -9.93
C ASP B 71 -10.69 -7.62 -8.52
N TRP B 72 -11.28 -8.55 -7.79
CA TRP B 72 -11.66 -8.27 -6.42
C TRP B 72 -10.43 -8.20 -5.52
N SER B 73 -10.53 -7.40 -4.47
CA SER B 73 -9.40 -7.23 -3.56
C SER B 73 -9.94 -6.97 -2.17
N TRP B 74 -9.05 -6.97 -1.19
CA TRP B 74 -9.38 -6.69 0.19
C TRP B 74 -8.87 -5.31 0.57
N VAL B 75 -9.72 -4.50 1.18
CA VAL B 75 -9.30 -3.15 1.56
C VAL B 75 -8.20 -3.17 2.62
N ASP B 76 -8.14 -4.21 3.44
CA ASP B 76 -7.07 -4.26 4.43
C ASP B 76 -5.72 -4.70 3.83
N ASP B 77 -5.69 -4.86 2.51
CA ASP B 77 -4.48 -5.23 1.76
C ASP B 77 -4.05 -6.69 1.85
N THR B 78 -4.84 -7.52 2.51
CA THR B 78 -4.64 -8.95 2.40
C THR B 78 -4.70 -9.31 0.91
N PRO B 79 -3.67 -10.00 0.39
CA PRO B 79 -3.76 -10.45 -1.00
C PRO B 79 -5.02 -11.30 -1.23
N PHE B 80 -5.71 -11.07 -2.34
CA PHE B 80 -6.99 -11.74 -2.56
C PHE B 80 -6.76 -13.08 -3.22
N ASN B 81 -7.15 -14.15 -2.53
CA ASN B 81 -6.99 -15.49 -3.07
C ASN B 81 -8.25 -15.87 -3.89
N LYS B 82 -8.19 -15.67 -5.19
CA LYS B 82 -9.38 -15.94 -6.00
C LYS B 82 -9.82 -17.40 -5.95
N VAL B 83 -8.87 -18.33 -6.02
CA VAL B 83 -9.18 -19.76 -5.99
C VAL B 83 -9.94 -20.13 -4.70
N GLN B 84 -9.39 -19.73 -3.57
CA GLN B 84 -9.92 -20.15 -2.28
C GLN B 84 -11.18 -19.37 -1.92
N SER B 85 -11.41 -18.28 -2.63
CA SER B 85 -12.56 -17.43 -2.35
C SER B 85 -13.77 -17.81 -3.21
N ALA B 86 -13.56 -18.60 -4.25
CA ALA B 86 -14.66 -18.97 -5.14
C ALA B 86 -15.83 -19.57 -4.35
N ARG B 87 -15.52 -20.40 -3.36
CA ARG B 87 -16.53 -21.08 -2.56
C ARG B 87 -17.33 -20.15 -1.66
N PHE B 88 -16.91 -18.88 -1.54
CA PHE B 88 -17.54 -17.95 -0.60
C PHE B 88 -18.61 -17.04 -1.20
N TRP B 89 -18.71 -17.01 -2.52
CA TRP B 89 -19.74 -16.20 -3.18
C TRP B 89 -21.06 -16.96 -3.23
N ILE B 90 -22.17 -16.25 -3.09
CA ILE B 90 -23.47 -16.81 -3.46
C ILE B 90 -23.40 -17.24 -4.92
N PRO B 91 -23.89 -18.44 -5.24
CA PRO B 91 -23.91 -18.88 -6.65
C PRO B 91 -24.49 -17.80 -7.55
N GLY B 92 -23.84 -17.55 -8.68
CA GLY B 92 -24.25 -16.47 -9.57
C GLY B 92 -23.56 -15.14 -9.32
N GLU B 93 -22.94 -14.99 -8.15
CA GLU B 93 -22.21 -13.78 -7.82
C GLU B 93 -20.71 -14.03 -7.98
N PRO B 94 -19.92 -12.97 -8.26
CA PRO B 94 -20.40 -11.59 -8.45
C PRO B 94 -21.02 -11.44 -9.83
N ASN B 95 -22.10 -10.66 -9.93
CA ASN B 95 -22.80 -10.54 -11.20
C ASN B 95 -22.79 -9.12 -11.80
N ASN B 96 -22.15 -8.19 -11.10
CA ASN B 96 -22.04 -6.81 -11.56
C ASN B 96 -23.36 -6.29 -12.16
N ALA B 97 -24.45 -6.45 -11.42
CA ALA B 97 -25.76 -6.02 -11.89
C ALA B 97 -25.74 -4.55 -12.30
N GLY B 98 -26.13 -4.27 -13.54
CA GLY B 98 -26.15 -2.90 -14.03
C GLY B 98 -24.76 -2.32 -14.17
N ASN B 99 -23.77 -3.19 -14.28
CA ASN B 99 -22.37 -2.79 -14.33
C ASN B 99 -22.02 -1.79 -13.25
N ASN B 100 -22.65 -1.93 -12.08
CA ASN B 100 -22.49 -0.94 -11.03
C ASN B 100 -22.32 -1.51 -9.63
N GLU B 101 -21.76 -2.72 -9.54
CA GLU B 101 -21.56 -3.38 -8.25
C GLU B 101 -20.08 -3.63 -7.96
N HIS B 102 -19.44 -2.69 -7.27
CA HIS B 102 -17.99 -2.69 -7.15
C HIS B 102 -17.52 -2.91 -5.72
N CYS B 103 -18.46 -3.24 -4.85
CA CYS B 103 -18.16 -3.54 -3.44
C CYS B 103 -18.90 -4.82 -3.08
N GLY B 104 -18.49 -5.44 -1.97
CA GLY B 104 -19.00 -6.75 -1.61
C GLY B 104 -19.48 -6.78 -0.18
N ASN B 105 -20.54 -7.55 0.05
CA ASN B 105 -21.11 -7.71 1.37
C ASN B 105 -21.32 -9.19 1.70
N ILE B 106 -21.58 -9.46 2.97
CA ILE B 106 -22.06 -10.76 3.39
C ILE B 106 -23.58 -10.66 3.38
N LYS B 107 -24.20 -11.48 2.56
CA LYS B 107 -25.65 -11.42 2.35
C LYS B 107 -26.36 -12.68 2.86
N ALA B 108 -26.00 -13.85 2.33
CA ALA B 108 -26.72 -15.08 2.73
C ALA B 108 -26.06 -15.75 3.92
N PRO B 109 -26.86 -16.21 4.89
CA PRO B 109 -26.33 -16.96 6.02
C PRO B 109 -25.95 -18.39 5.63
N SER B 110 -24.81 -18.49 4.95
CA SER B 110 -24.33 -19.73 4.39
C SER B 110 -22.83 -19.56 4.12
N LEU B 111 -22.09 -20.64 3.97
CA LEU B 111 -20.70 -20.50 3.54
C LEU B 111 -20.65 -19.75 2.21
N GLN B 112 -21.62 -20.00 1.35
CA GLN B 112 -21.78 -19.23 0.12
CA GLN B 112 -21.74 -19.23 0.13
C GLN B 112 -22.59 -17.99 0.45
N ALA B 113 -21.91 -16.92 0.86
CA ALA B 113 -22.57 -15.77 1.47
C ALA B 113 -22.44 -14.44 0.75
N TRP B 114 -21.38 -14.29 -0.06
CA TRP B 114 -21.04 -12.97 -0.58
C TRP B 114 -21.86 -12.52 -1.79
N ASN B 115 -22.12 -11.23 -1.85
CA ASN B 115 -22.75 -10.62 -3.00
C ASN B 115 -22.03 -9.33 -3.34
N ASP B 116 -21.89 -9.03 -4.63
CA ASP B 116 -21.45 -7.69 -5.01
C ASP B 116 -22.67 -6.77 -5.14
N ALA B 117 -22.53 -5.56 -4.63
CA ALA B 117 -23.62 -4.58 -4.58
C ALA B 117 -23.07 -3.17 -4.83
N PRO B 118 -23.95 -2.24 -5.20
CA PRO B 118 -23.49 -0.87 -5.47
C PRO B 118 -22.90 -0.22 -4.23
N CYS B 119 -21.70 0.35 -4.37
CA CYS B 119 -20.95 0.87 -3.23
C CYS B 119 -21.71 1.94 -2.46
N ASP B 120 -22.64 2.60 -3.14
CA ASP B 120 -23.40 3.67 -2.51
C ASP B 120 -24.64 3.19 -1.75
N LYS B 121 -24.90 1.88 -1.74
CA LYS B 121 -25.97 1.35 -0.90
C LYS B 121 -25.54 1.39 0.56
N THR B 122 -26.50 1.63 1.46
CA THR B 122 -26.19 1.67 2.88
C THR B 122 -26.55 0.34 3.55
N PHE B 123 -25.56 -0.28 4.19
CA PHE B 123 -25.77 -1.51 4.95
C PHE B 123 -25.01 -1.40 6.26
N LEU B 124 -25.37 -2.22 7.24
CA LEU B 124 -24.50 -2.47 8.37
C LEU B 124 -23.16 -2.94 7.83
N PHE B 125 -22.13 -2.97 8.68
CA PHE B 125 -20.79 -3.29 8.20
C PHE B 125 -19.97 -3.94 9.31
N ILE B 126 -18.94 -4.69 8.92
CA ILE B 126 -18.08 -5.37 9.87
C ILE B 126 -16.63 -4.89 9.73
N CYS B 127 -16.06 -4.34 10.82
CA CYS B 127 -14.63 -4.00 10.87
C CYS B 127 -13.80 -5.14 11.46
N LYS B 128 -12.52 -5.17 11.12
CA LYS B 128 -11.61 -6.20 11.61
C LYS B 128 -10.29 -5.53 11.98
N ARG B 129 -9.70 -5.95 13.08
CA ARG B 129 -8.36 -5.51 13.42
C ARG B 129 -7.66 -6.59 14.21
N PRO B 130 -6.42 -6.91 13.82
CA PRO B 130 -5.65 -7.94 14.52
C PRO B 130 -5.29 -7.46 15.91
N TYR B 131 -5.23 -8.38 16.85
CA TYR B 131 -4.65 -8.08 18.14
C TYR B 131 -3.17 -7.75 17.97
N VAL B 132 -2.77 -6.58 18.46
CA VAL B 132 -1.38 -6.16 18.42
C VAL B 132 -0.95 -5.84 19.86
N PRO B 133 -0.06 -6.68 20.42
CA PRO B 133 0.34 -6.48 21.82
C PRO B 133 0.93 -5.10 22.04
N SER C 4 7.91 -21.22 -17.14
CA SER C 4 9.00 -21.30 -16.18
C SER C 4 8.76 -22.39 -15.14
N GLN C 5 9.71 -23.31 -15.05
CA GLN C 5 9.60 -24.39 -14.10
C GLN C 5 9.96 -23.85 -12.72
N GLY C 6 9.70 -24.65 -11.70
CA GLY C 6 10.12 -24.33 -10.36
C GLY C 6 8.99 -23.84 -9.48
N TRP C 7 7.84 -23.58 -10.10
CA TRP C 7 6.69 -23.09 -9.33
C TRP C 7 5.77 -24.22 -8.88
N LYS C 8 5.69 -24.41 -7.57
CA LYS C 8 4.91 -25.50 -6.97
C LYS C 8 3.59 -24.95 -6.46
N TYR C 9 2.53 -25.73 -6.64
CA TYR C 9 1.18 -25.23 -6.38
C TYR C 9 0.59 -25.68 -5.05
N PHE C 10 -0.06 -24.75 -4.35
CA PHE C 10 -0.72 -25.05 -3.08
C PHE C 10 -1.80 -24.03 -2.77
N LYS C 11 -3.04 -24.50 -2.71
CA LYS C 11 -4.19 -23.68 -2.28
C LYS C 11 -4.25 -22.27 -2.88
N GLY C 12 -4.25 -22.20 -4.21
CA GLY C 12 -4.48 -20.94 -4.88
C GLY C 12 -3.24 -20.08 -5.14
N ASN C 13 -2.07 -20.51 -4.65
CA ASN C 13 -0.82 -19.82 -4.95
C ASN C 13 0.25 -20.76 -5.50
N PHE C 14 1.18 -20.20 -6.26
CA PHE C 14 2.38 -20.91 -6.68
C PHE C 14 3.55 -20.45 -5.83
N TYR C 15 4.45 -21.37 -5.52
CA TYR C 15 5.61 -21.06 -4.70
C TYR C 15 6.88 -21.43 -5.41
N TYR C 16 7.87 -20.55 -5.33
CA TYR C 16 9.15 -20.77 -5.98
C TYR C 16 10.21 -20.90 -4.91
N PHE C 17 10.81 -22.07 -4.80
CA PHE C 17 11.93 -22.29 -3.88
C PHE C 17 13.21 -22.07 -4.67
N SER C 18 13.93 -20.99 -4.38
CA SER C 18 15.03 -20.59 -5.26
C SER C 18 16.23 -21.57 -5.24
N LEU C 19 17.05 -21.47 -6.28
CA LEU C 19 18.25 -22.28 -6.42
C LEU C 19 19.51 -21.47 -6.07
N ILE C 20 19.38 -20.14 -6.12
CA ILE C 20 20.46 -19.21 -5.80
C ILE C 20 20.11 -18.42 -4.54
N PRO C 21 21.08 -18.27 -3.62
CA PRO C 21 20.85 -17.52 -2.37
C PRO C 21 21.04 -16.01 -2.55
N LYS C 22 20.24 -15.22 -1.81
CA LYS C 22 20.28 -13.76 -1.91
C LYS C 22 20.01 -13.18 -0.53
N THR C 23 20.34 -11.90 -0.37
CA THR C 23 19.96 -11.20 0.84
C THR C 23 18.43 -11.12 0.82
N TRP C 24 17.82 -10.79 1.96
CA TRP C 24 16.36 -10.72 2.04
C TRP C 24 15.83 -9.80 0.96
N TYR C 25 16.36 -8.59 0.90
CA TYR C 25 15.80 -7.63 -0.03
C TYR C 25 16.07 -7.98 -1.49
N SER C 26 17.28 -8.44 -1.80
CA SER C 26 17.55 -8.87 -3.17
C SER C 26 16.66 -10.05 -3.57
N ALA C 27 16.39 -10.93 -2.61
CA ALA C 27 15.41 -12.00 -2.83
C ALA C 27 14.04 -11.42 -3.18
N GLU C 28 13.59 -10.45 -2.41
CA GLU C 28 12.30 -9.80 -2.68
C GLU C 28 12.28 -9.17 -4.06
N GLN C 29 13.38 -8.50 -4.44
CA GLN C 29 13.49 -7.91 -5.77
C GLN C 29 13.36 -8.98 -6.85
N PHE C 30 13.95 -10.14 -6.63
CA PHE C 30 13.81 -11.22 -7.59
C PHE C 30 12.35 -11.68 -7.67
N CYS C 31 11.71 -11.86 -6.52
CA CYS C 31 10.29 -12.20 -6.52
C CYS C 31 9.48 -11.17 -7.29
N VAL C 32 9.75 -9.89 -7.04
CA VAL C 32 9.02 -8.84 -7.73
C VAL C 32 9.21 -8.93 -9.25
N SER C 33 10.43 -9.24 -9.69
CA SER C 33 10.71 -9.40 -11.12
C SER C 33 9.97 -10.60 -11.71
N ARG C 34 9.45 -11.46 -10.85
CA ARG C 34 8.68 -12.62 -11.30
CA ARG C 34 8.68 -12.62 -11.29
C ARG C 34 7.21 -12.48 -10.89
N ASN C 35 6.77 -11.22 -10.74
CA ASN C 35 5.37 -10.94 -10.42
C ASN C 35 4.94 -11.62 -9.12
N SER C 36 5.81 -11.62 -8.12
CA SER C 36 5.52 -12.29 -6.87
C SER C 36 6.12 -11.50 -5.71
N HIS C 37 6.03 -12.08 -4.52
CA HIS C 37 6.62 -11.50 -3.31
C HIS C 37 7.17 -12.64 -2.49
N LEU C 38 8.13 -12.34 -1.61
CA LEU C 38 8.52 -13.33 -0.62
C LEU C 38 7.27 -13.81 0.11
N THR C 39 7.19 -15.12 0.34
CA THR C 39 5.96 -15.72 0.84
C THR C 39 5.54 -15.26 2.23
N SER C 40 4.24 -14.98 2.37
CA SER C 40 3.64 -14.91 3.69
C SER C 40 3.23 -16.33 4.13
N VAL C 41 2.89 -16.47 5.41
CA VAL C 41 2.43 -17.74 5.94
C VAL C 41 1.23 -17.46 6.83
N THR C 42 0.07 -17.95 6.42
CA THR C 42 -1.17 -17.54 7.10
C THR C 42 -2.02 -18.72 7.58
N SER C 43 -1.48 -19.93 7.53
CA SER C 43 -2.19 -21.10 8.05
C SER C 43 -1.25 -22.23 8.42
N GLU C 44 -1.70 -23.11 9.31
CA GLU C 44 -0.90 -24.26 9.67
C GLU C 44 -0.54 -25.08 8.43
N SER C 45 -1.51 -25.28 7.55
CA SER C 45 -1.29 -26.10 6.36
C SER C 45 -0.29 -25.45 5.40
N GLU C 46 -0.30 -24.12 5.32
CA GLU C 46 0.70 -23.44 4.49
C GLU C 46 2.09 -23.59 5.09
N GLN C 47 2.21 -23.40 6.41
CA GLN C 47 3.50 -23.55 7.07
C GLN C 47 4.02 -24.97 6.86
N GLU C 48 3.12 -25.94 6.97
CA GLU C 48 3.48 -27.34 6.77
C GLU C 48 3.99 -27.58 5.35
N PHE C 49 3.25 -27.06 4.37
CA PHE C 49 3.67 -27.19 2.98
C PHE C 49 5.05 -26.61 2.76
N LEU C 50 5.32 -25.44 3.35
CA LEU C 50 6.60 -24.78 3.15
C LEU C 50 7.77 -25.50 3.83
N TYR C 51 7.60 -25.87 5.10
CA TYR C 51 8.75 -26.45 5.80
C TYR C 51 9.04 -27.86 5.29
N LYS C 52 8.01 -28.58 4.92
CA LYS C 52 8.21 -29.89 4.31
C LYS C 52 8.87 -29.77 2.95
N THR C 53 8.45 -28.81 2.14
CA THR C 53 9.08 -28.65 0.82
C THR C 53 10.53 -28.14 0.90
N ALA C 54 10.83 -27.38 1.94
CA ALA C 54 12.16 -26.79 2.10
C ALA C 54 13.18 -27.86 2.47
N GLY C 55 12.70 -28.91 3.14
CA GLY C 55 13.53 -30.04 3.48
C GLY C 55 14.81 -29.69 4.22
N GLY C 56 14.66 -28.96 5.33
CA GLY C 56 15.77 -28.70 6.23
C GLY C 56 16.68 -27.55 5.85
N LEU C 57 16.60 -27.10 4.61
CA LEU C 57 17.39 -25.96 4.15
C LEU C 57 16.75 -24.63 4.55
N ILE C 58 17.59 -23.59 4.63
CA ILE C 58 17.15 -22.27 5.10
C ILE C 58 16.67 -21.39 3.94
N TYR C 59 15.43 -20.90 4.06
CA TYR C 59 14.84 -20.05 3.04
C TYR C 59 14.29 -18.78 3.66
N TRP C 60 14.66 -17.64 3.09
CA TRP C 60 14.02 -16.38 3.46
C TRP C 60 12.54 -16.49 3.14
N ILE C 61 11.70 -15.97 4.02
CA ILE C 61 10.29 -15.73 3.71
C ILE C 61 10.01 -14.23 3.84
N GLY C 62 8.77 -13.79 3.62
CA GLY C 62 8.50 -12.36 3.56
C GLY C 62 8.31 -11.69 4.92
N LEU C 63 8.83 -12.31 5.96
CA LEU C 63 8.78 -11.79 7.34
C LEU C 63 9.81 -10.70 7.56
N THR C 64 9.37 -9.52 8.01
CA THR C 64 10.31 -8.45 8.28
C THR C 64 9.75 -7.46 9.28
N LYS C 65 10.62 -6.79 10.03
CA LYS C 65 10.16 -5.77 10.96
C LYS C 65 9.72 -4.52 10.21
N ALA C 66 8.65 -3.89 10.71
CA ALA C 66 8.21 -2.60 10.21
C ALA C 66 7.56 -1.80 11.33
N GLY C 67 7.74 -0.48 11.31
CA GLY C 67 7.17 0.39 12.33
C GLY C 67 8.16 0.73 13.44
N MET C 68 7.74 1.63 14.33
CA MET C 68 8.61 2.12 15.39
C MET C 68 8.77 1.11 16.54
N GLU C 69 7.80 0.23 16.68
CA GLU C 69 7.83 -0.78 17.74
C GLU C 69 8.63 -2.01 17.30
N GLY C 70 9.00 -2.04 16.03
CA GLY C 70 9.73 -3.17 15.49
C GLY C 70 8.86 -4.40 15.36
N ASP C 71 7.57 -4.20 15.10
CA ASP C 71 6.64 -5.32 14.93
C ASP C 71 6.89 -6.05 13.62
N TRP C 72 6.78 -7.37 13.67
CA TRP C 72 6.90 -8.18 12.47
C TRP C 72 5.72 -7.91 11.51
N SER C 73 6.00 -8.05 10.22
CA SER C 73 5.04 -7.76 9.15
C SER C 73 5.37 -8.66 7.98
N TRP C 74 4.48 -8.68 6.99
CA TRP C 74 4.66 -9.45 5.76
C TRP C 74 4.88 -8.47 4.61
N VAL C 75 5.90 -8.72 3.79
CA VAL C 75 6.20 -7.80 2.69
C VAL C 75 5.07 -7.77 1.65
N ASP C 76 4.28 -8.83 1.56
CA ASP C 76 3.16 -8.85 0.62
C ASP C 76 1.91 -8.09 1.13
N ASP C 77 2.06 -7.49 2.30
CA ASP C 77 1.03 -6.65 2.94
C ASP C 77 -0.12 -7.37 3.65
N THR C 78 -0.09 -8.70 3.69
CA THR C 78 -0.96 -9.42 4.61
C THR C 78 -0.82 -8.83 6.01
N PRO C 79 -1.93 -8.43 6.63
CA PRO C 79 -1.79 -8.00 8.03
C PRO C 79 -1.24 -9.13 8.91
N PHE C 80 -0.28 -8.78 9.77
CA PHE C 80 0.39 -9.78 10.59
C PHE C 80 -0.49 -10.15 11.78
N ASN C 81 -0.70 -11.45 11.94
CA ASN C 81 -1.49 -11.98 13.04
C ASN C 81 -0.52 -12.60 14.03
N LYS C 82 -0.15 -11.84 15.05
CA LYS C 82 0.83 -12.35 16.01
C LYS C 82 0.28 -13.57 16.75
N VAL C 83 -1.01 -13.53 17.06
CA VAL C 83 -1.65 -14.65 17.76
C VAL C 83 -1.42 -15.97 17.03
N GLN C 84 -1.76 -16.00 15.74
CA GLN C 84 -1.66 -17.22 14.94
C GLN C 84 -0.25 -17.54 14.47
N SER C 85 0.65 -16.56 14.60
CA SER C 85 2.02 -16.73 14.12
C SER C 85 2.98 -17.26 15.18
N ALA C 86 2.57 -17.16 16.44
CA ALA C 86 3.42 -17.54 17.56
C ALA C 86 3.88 -18.98 17.45
N ARG C 87 2.98 -19.85 17.01
CA ARG C 87 3.26 -21.27 16.83
C ARG C 87 4.33 -21.59 15.79
N PHE C 88 4.73 -20.62 14.97
CA PHE C 88 5.61 -20.91 13.83
C PHE C 88 7.10 -20.62 14.05
N TRP C 89 7.42 -19.94 15.15
CA TRP C 89 8.81 -19.60 15.48
C TRP C 89 9.52 -20.78 16.12
N ILE C 90 10.80 -20.93 15.84
CA ILE C 90 11.66 -21.87 16.57
C ILE C 90 11.65 -21.48 18.04
N PRO C 91 11.68 -22.47 18.93
CA PRO C 91 11.73 -22.12 20.35
C PRO C 91 12.92 -21.22 20.63
N GLY C 92 12.69 -20.10 21.32
CA GLY C 92 13.76 -19.17 21.62
C GLY C 92 13.82 -18.01 20.64
N GLU C 93 13.18 -18.17 19.48
CA GLU C 93 13.12 -17.10 18.48
C GLU C 93 11.75 -16.39 18.53
N PRO C 94 11.72 -15.12 18.11
CA PRO C 94 12.88 -14.37 17.64
C PRO C 94 13.71 -13.85 18.82
N ASN C 95 15.02 -13.89 18.67
CA ASN C 95 15.92 -13.50 19.76
C ASN C 95 16.72 -12.22 19.46
N ASN C 96 16.57 -11.70 18.24
CA ASN C 96 17.24 -10.46 17.85
C ASN C 96 18.73 -10.49 18.22
N ALA C 97 19.42 -11.54 17.80
CA ALA C 97 20.84 -11.67 18.04
C ALA C 97 21.60 -10.40 17.60
N GLY C 98 22.43 -9.89 18.49
CA GLY C 98 23.25 -8.71 18.21
C GLY C 98 22.45 -7.47 17.86
N ASN C 99 21.20 -7.43 18.29
CA ASN C 99 20.29 -6.33 17.97
C ASN C 99 20.18 -6.05 16.46
N ASN C 100 20.40 -7.09 15.65
CA ASN C 100 20.52 -6.89 14.22
C ASN C 100 19.77 -7.90 13.34
N GLU C 101 18.73 -8.52 13.89
CA GLU C 101 18.03 -9.57 13.16
C GLU C 101 16.60 -9.14 12.87
N HIS C 102 16.41 -8.53 11.70
CA HIS C 102 15.18 -7.82 11.40
C HIS C 102 14.40 -8.44 10.23
N CYS C 103 14.83 -9.63 9.79
CA CYS C 103 14.12 -10.37 8.75
C CYS C 103 13.94 -11.80 9.22
N GLY C 104 13.02 -12.53 8.59
CA GLY C 104 12.74 -13.88 9.05
C GLY C 104 12.87 -14.92 7.96
N ASN C 105 13.36 -16.10 8.34
CA ASN C 105 13.46 -17.23 7.42
C ASN C 105 12.83 -18.49 8.01
N ILE C 106 12.59 -19.48 7.15
CA ILE C 106 12.23 -20.82 7.60
C ILE C 106 13.54 -21.59 7.73
N LYS C 107 13.81 -22.08 8.93
CA LYS C 107 15.12 -22.66 9.23
C LYS C 107 15.04 -24.13 9.67
N ALA C 108 14.12 -24.45 10.56
CA ALA C 108 14.04 -25.83 11.07
C ALA C 108 12.98 -26.65 10.35
N PRO C 109 13.18 -27.98 10.26
CA PRO C 109 12.21 -28.89 9.62
C PRO C 109 11.06 -29.25 10.56
N SER C 110 10.34 -28.24 11.02
CA SER C 110 9.27 -28.41 11.98
C SER C 110 8.23 -27.30 11.83
N LEU C 111 7.02 -27.49 12.36
CA LEU C 111 6.01 -26.43 12.36
C LEU C 111 6.58 -25.21 13.03
N GLN C 112 7.41 -25.42 14.05
CA GLN C 112 8.17 -24.35 14.67
C GLN C 112 9.45 -24.18 13.87
N ALA C 113 9.39 -23.33 12.84
CA ALA C 113 10.46 -23.28 11.85
C ALA C 113 11.17 -21.94 11.74
N TRP C 114 10.52 -20.86 12.17
CA TRP C 114 11.06 -19.53 11.84
C TRP C 114 12.22 -19.09 12.72
N ASN C 115 13.17 -18.39 12.10
CA ASN C 115 14.25 -17.74 12.84
C ASN C 115 14.36 -16.30 12.35
N ASP C 116 14.64 -15.37 13.25
CA ASP C 116 15.05 -14.04 12.82
C ASP C 116 16.56 -14.01 12.56
N ALA C 117 16.95 -13.42 11.43
CA ALA C 117 18.35 -13.35 11.03
C ALA C 117 18.60 -11.98 10.41
N PRO C 118 19.88 -11.58 10.31
CA PRO C 118 20.18 -10.27 9.73
C PRO C 118 19.76 -10.19 8.25
N CYS C 119 19.11 -9.10 7.86
CA CYS C 119 18.55 -9.00 6.51
C CYS C 119 19.60 -9.12 5.44
N ASP C 120 20.83 -8.72 5.77
CA ASP C 120 21.89 -8.68 4.78
C ASP C 120 22.64 -10.01 4.65
N LYS C 121 22.15 -11.05 5.32
CA LYS C 121 22.69 -12.40 5.12
C LYS C 121 22.09 -13.02 3.86
N THR C 122 22.84 -13.91 3.21
CA THR C 122 22.34 -14.54 1.99
C THR C 122 21.84 -15.96 2.25
N PHE C 123 20.64 -16.25 1.76
CA PHE C 123 20.03 -17.58 1.89
C PHE C 123 19.20 -17.79 0.63
N LEU C 124 18.85 -19.05 0.36
CA LEU C 124 17.82 -19.34 -0.60
C LEU C 124 16.54 -18.64 -0.12
N PHE C 125 15.54 -18.54 -0.99
CA PHE C 125 14.32 -17.80 -0.63
C PHE C 125 13.10 -18.39 -1.32
N ILE C 126 11.91 -18.06 -0.82
CA ILE C 126 10.66 -18.60 -1.38
C ILE C 126 9.71 -17.48 -1.81
N CYS C 127 9.40 -17.42 -3.09
CA CYS C 127 8.41 -16.47 -3.61
C CYS C 127 7.03 -17.10 -3.63
N LYS C 128 6.01 -16.26 -3.53
CA LYS C 128 4.63 -16.71 -3.56
C LYS C 128 3.89 -15.83 -4.56
N ARG C 129 3.18 -16.49 -5.47
CA ARG C 129 2.49 -15.82 -6.56
CA ARG C 129 2.47 -15.80 -6.53
C ARG C 129 1.06 -16.37 -6.63
N PRO C 130 0.05 -15.49 -6.58
CA PRO C 130 -1.32 -16.04 -6.66
C PRO C 130 -1.64 -16.55 -8.05
N TYR C 131 -2.46 -17.60 -8.13
CA TYR C 131 -3.02 -18.01 -9.41
C TYR C 131 -4.28 -17.19 -9.61
N VAL C 132 -4.41 -16.56 -10.78
CA VAL C 132 -5.59 -15.78 -11.07
C VAL C 132 -6.40 -16.37 -12.24
N PRO C 133 -7.42 -17.20 -11.92
CA PRO C 133 -8.22 -17.88 -12.95
C PRO C 133 -8.77 -16.90 -13.98
N GLN D 5 -11.33 7.94 -23.94
CA GLN D 5 -10.85 9.20 -24.51
C GLN D 5 -11.31 10.42 -23.69
N GLY D 6 -10.76 11.58 -24.02
CA GLY D 6 -11.08 12.79 -23.30
C GLY D 6 -10.04 13.11 -22.23
N TRP D 7 -8.89 12.44 -22.31
CA TRP D 7 -7.81 12.71 -21.36
C TRP D 7 -6.97 13.92 -21.77
N LYS D 8 -6.60 14.72 -20.78
CA LYS D 8 -5.76 15.90 -21.01
C LYS D 8 -4.38 15.71 -20.40
N TYR D 9 -3.34 16.03 -21.16
CA TYR D 9 -1.97 15.84 -20.72
C TYR D 9 -1.40 17.08 -20.01
N PHE D 10 -0.72 16.87 -18.90
CA PHE D 10 -0.01 17.93 -18.20
C PHE D 10 1.14 17.34 -17.39
N LYS D 11 2.36 17.73 -17.76
CA LYS D 11 3.56 17.33 -17.02
C LYS D 11 3.64 15.86 -16.65
N GLY D 12 3.52 14.98 -17.64
CA GLY D 12 3.72 13.56 -17.44
C GLY D 12 2.57 12.79 -16.84
N ASN D 13 1.38 13.40 -16.80
CA ASN D 13 0.18 12.71 -16.36
C ASN D 13 -0.98 13.03 -17.29
N PHE D 14 -1.95 12.12 -17.38
CA PHE D 14 -3.20 12.37 -18.09
C PHE D 14 -4.30 12.61 -17.08
N TYR D 15 -5.19 13.54 -17.39
CA TYR D 15 -6.29 13.90 -16.49
C TYR D 15 -7.63 13.76 -17.20
N TYR D 16 -8.59 13.17 -16.51
CA TYR D 16 -9.94 12.98 -17.02
C TYR D 16 -10.89 13.83 -16.18
N PHE D 17 -11.50 14.83 -16.79
CA PHE D 17 -12.48 15.66 -16.10
C PHE D 17 -13.86 15.14 -16.47
N SER D 18 -14.58 14.58 -15.50
CA SER D 18 -15.84 13.88 -15.81
C SER D 18 -16.96 14.82 -16.16
N LEU D 19 -17.94 14.29 -16.90
CA LEU D 19 -19.16 15.02 -17.23
C LEU D 19 -20.33 14.54 -16.37
N ILE D 20 -20.11 13.43 -15.67
CA ILE D 20 -21.14 12.82 -14.81
C ILE D 20 -20.73 12.95 -13.35
N PRO D 21 -21.68 13.28 -12.46
CA PRO D 21 -21.34 13.39 -11.05
C PRO D 21 -21.49 12.04 -10.34
N LYS D 22 -20.63 11.80 -9.36
CA LYS D 22 -20.69 10.57 -8.57
C LYS D 22 -20.29 10.89 -7.14
N THR D 23 -20.56 9.96 -6.23
CA THR D 23 -20.04 10.09 -4.88
C THR D 23 -18.53 9.93 -4.99
N TRP D 24 -17.82 10.35 -3.95
CA TRP D 24 -16.37 10.28 -3.96
C TRP D 24 -15.87 8.87 -4.25
N TYR D 25 -16.38 7.87 -3.54
CA TYR D 25 -15.86 6.54 -3.77
C TYR D 25 -16.27 5.93 -5.11
N SER D 26 -17.49 6.21 -5.56
CA SER D 26 -17.89 5.75 -6.89
C SER D 26 -17.03 6.41 -7.97
N ALA D 27 -16.65 7.66 -7.72
CA ALA D 27 -15.75 8.34 -8.65
C ALA D 27 -14.41 7.62 -8.66
N GLU D 28 -13.91 7.27 -7.47
CA GLU D 28 -12.64 6.56 -7.39
C GLU D 28 -12.72 5.22 -8.14
N GLN D 29 -13.83 4.50 -7.96
CA GLN D 29 -14.01 3.23 -8.65
C GLN D 29 -14.02 3.41 -10.17
N PHE D 30 -14.66 4.48 -10.63
CA PHE D 30 -14.62 4.82 -12.05
C PHE D 30 -13.18 5.03 -12.50
N CYS D 31 -12.42 5.84 -11.74
CA CYS D 31 -11.01 6.05 -12.08
C CYS D 31 -10.24 4.72 -12.12
N VAL D 32 -10.44 3.89 -11.10
CA VAL D 32 -9.75 2.60 -11.03
C VAL D 32 -10.07 1.76 -12.28
N SER D 33 -11.33 1.78 -12.70
CA SER D 33 -11.73 1.04 -13.89
C SER D 33 -11.01 1.55 -15.15
N ARG D 34 -10.58 2.81 -15.13
CA ARG D 34 -9.80 3.38 -16.23
C ARG D 34 -8.32 3.42 -15.88
N ASN D 35 -7.88 2.55 -14.98
CA ASN D 35 -6.47 2.46 -14.63
C ASN D 35 -5.90 3.79 -14.10
N SER D 36 -6.67 4.45 -13.24
CA SER D 36 -6.24 5.72 -12.69
C SER D 36 -6.77 5.84 -11.26
N HIS D 37 -6.53 6.99 -10.64
CA HIS D 37 -7.05 7.30 -9.33
C HIS D 37 -7.57 8.72 -9.38
N LEU D 38 -8.49 9.06 -8.50
CA LEU D 38 -8.80 10.48 -8.29
C LEU D 38 -7.49 11.23 -8.06
N THR D 39 -7.39 12.42 -8.65
CA THR D 39 -6.12 13.12 -8.73
C THR D 39 -5.55 13.60 -7.41
N SER D 40 -4.26 13.43 -7.23
CA SER D 40 -3.53 14.13 -6.18
C SER D 40 -3.10 15.49 -6.72
N VAL D 41 -2.65 16.35 -5.84
CA VAL D 41 -2.20 17.69 -6.22
C VAL D 41 -0.97 18.00 -5.38
N THR D 42 0.18 18.11 -6.03
CA THR D 42 1.44 18.20 -5.31
C THR D 42 2.35 19.32 -5.77
N SER D 43 1.80 20.28 -6.50
CA SER D 43 2.55 21.47 -6.86
C SER D 43 1.62 22.61 -7.21
N GLU D 44 2.10 23.84 -7.11
CA GLU D 44 1.30 24.98 -7.51
C GLU D 44 0.90 24.85 -8.97
N SER D 45 1.82 24.39 -9.82
CA SER D 45 1.52 24.33 -11.24
C SER D 45 0.41 23.34 -11.54
N GLU D 46 0.39 22.23 -10.81
CA GLU D 46 -0.68 21.25 -10.99
C GLU D 46 -2.01 21.80 -10.47
N GLN D 47 -1.98 22.45 -9.31
CA GLN D 47 -3.19 23.07 -8.77
C GLN D 47 -3.75 24.07 -9.77
N GLU D 48 -2.88 24.88 -10.36
CA GLU D 48 -3.29 25.87 -11.35
C GLU D 48 -3.90 25.20 -12.58
N PHE D 49 -3.20 24.20 -13.12
CA PHE D 49 -3.75 23.45 -14.25
C PHE D 49 -5.15 22.94 -13.94
N LEU D 50 -5.31 22.39 -12.75
CA LEU D 50 -6.58 21.77 -12.38
C LEU D 50 -7.69 22.79 -12.16
N TYR D 51 -7.43 23.84 -11.38
CA TYR D 51 -8.51 24.80 -11.13
C TYR D 51 -8.86 25.56 -12.41
N LYS D 52 -7.85 25.90 -13.20
CA LYS D 52 -8.12 26.59 -14.46
C LYS D 52 -8.94 25.70 -15.39
N THR D 53 -8.56 24.44 -15.50
CA THR D 53 -9.30 23.54 -16.38
C THR D 53 -10.71 23.27 -15.83
N ALA D 54 -10.85 23.27 -14.50
CA ALA D 54 -12.15 23.00 -13.87
C ALA D 54 -13.14 24.13 -14.20
N GLY D 55 -12.62 25.32 -14.46
CA GLY D 55 -13.45 26.41 -14.94
C GLY D 55 -14.60 26.77 -14.01
N GLY D 56 -14.36 26.70 -12.72
CA GLY D 56 -15.32 27.21 -11.74
C GLY D 56 -16.36 26.22 -11.27
N LEU D 57 -16.33 25.02 -11.84
CA LEU D 57 -17.21 23.94 -11.40
C LEU D 57 -16.51 23.10 -10.34
N ILE D 58 -17.29 22.38 -9.55
CA ILE D 58 -16.78 21.59 -8.44
C ILE D 58 -16.48 20.14 -8.83
N TYR D 59 -15.25 19.70 -8.55
CA TYR D 59 -14.79 18.36 -8.90
C TYR D 59 -14.18 17.65 -7.72
N TRP D 60 -14.63 16.43 -7.46
CA TRP D 60 -13.93 15.62 -6.46
C TRP D 60 -12.49 15.43 -6.92
N ILE D 61 -11.57 15.50 -5.98
CA ILE D 61 -10.19 15.06 -6.21
C ILE D 61 -9.84 13.98 -5.19
N GLY D 62 -8.60 13.52 -5.18
CA GLY D 62 -8.24 12.33 -4.42
C GLY D 62 -8.04 12.54 -2.94
N LEU D 63 -8.53 13.68 -2.44
CA LEU D 63 -8.33 14.08 -1.05
C LEU D 63 -9.32 13.38 -0.15
N THR D 64 -8.84 12.70 0.89
CA THR D 64 -9.76 12.01 1.78
C THR D 64 -9.10 11.77 3.12
N LYS D 65 -9.90 11.73 4.18
CA LYS D 65 -9.35 11.46 5.51
C LYS D 65 -9.02 9.97 5.67
N ALA D 66 -7.91 9.69 6.36
N ALA D 66 -7.90 9.68 6.32
CA ALA D 66 -7.52 8.32 6.68
CA ALA D 66 -7.62 8.32 6.73
C ALA D 66 -6.65 8.25 7.94
C ALA D 66 -8.53 8.00 7.90
N GLY D 67 -6.42 7.05 8.45
N GLY D 67 -9.82 7.84 7.61
CA GLY D 67 -5.67 6.87 9.68
CA GLY D 67 -10.83 7.62 8.63
C GLY D 67 -6.49 7.23 10.91
C GLY D 67 -11.48 8.92 9.08
N MET D 68 -6.02 6.80 12.06
N MET D 68 -12.71 8.81 9.59
CA MET D 68 -6.79 6.96 13.30
CA MET D 68 -13.44 9.96 10.11
C MET D 68 -7.09 8.42 13.67
C MET D 68 -12.55 10.90 10.92
N GLU D 69 -6.21 9.33 13.26
N GLU D 69 -12.62 12.18 10.61
CA GLU D 69 -6.34 10.73 13.63
CA GLU D 69 -11.70 13.18 11.14
C GLU D 69 -7.11 11.55 12.60
C GLU D 69 -10.33 12.62 11.55
N GLY D 70 -7.52 10.89 11.51
N GLY D 70 -9.60 12.11 10.57
CA GLY D 70 -8.28 11.53 10.47
CA GLY D 70 -8.21 11.75 10.76
C GLY D 70 -7.50 12.55 9.67
C GLY D 70 -7.36 12.78 10.06
N ASP D 71 -6.18 12.37 9.58
CA ASP D 71 -5.35 13.27 8.81
C ASP D 71 -5.75 13.14 7.34
N TRP D 72 -5.64 14.22 6.59
CA TRP D 72 -5.94 14.16 5.18
C TRP D 72 -4.89 13.32 4.46
N SER D 73 -5.31 12.65 3.38
CA SER D 73 -4.44 11.74 2.65
C SER D 73 -4.84 11.79 1.17
N TRP D 74 -3.98 11.23 0.32
CA TRP D 74 -4.28 11.05 -1.11
C TRP D 74 -4.60 9.59 -1.43
N VAL D 75 -5.68 9.37 -2.17
CA VAL D 75 -6.11 8.00 -2.46
C VAL D 75 -5.11 7.27 -3.34
N ASP D 76 -4.29 8.02 -4.09
CA ASP D 76 -3.25 7.39 -4.90
C ASP D 76 -1.98 7.09 -4.12
N ASP D 77 -2.06 7.29 -2.80
CA ASP D 77 -0.98 7.00 -1.85
C ASP D 77 0.20 7.94 -1.85
N THR D 78 0.12 9.01 -2.62
CA THR D 78 1.09 10.08 -2.46
C THR D 78 1.02 10.50 -1.01
N PRO D 79 2.16 10.57 -0.33
CA PRO D 79 2.18 11.12 1.03
C PRO D 79 1.61 12.54 1.05
N PHE D 80 0.74 12.81 2.02
CA PHE D 80 0.10 14.12 2.10
C PHE D 80 0.98 15.11 2.86
N ASN D 81 1.26 16.24 2.23
CA ASN D 81 2.16 17.22 2.81
C ASN D 81 1.31 18.34 3.39
N LYS D 82 1.05 18.28 4.69
CA LYS D 82 0.09 19.19 5.30
C LYS D 82 0.56 20.63 5.20
N VAL D 83 1.85 20.85 5.44
CA VAL D 83 2.41 22.19 5.42
C VAL D 83 2.25 22.84 4.05
N GLN D 84 2.73 22.15 3.02
CA GLN D 84 2.69 22.67 1.66
C GLN D 84 1.28 22.73 1.08
N SER D 85 0.35 21.99 1.67
CA SER D 85 -1.00 21.95 1.14
C SER D 85 -1.86 23.04 1.75
N ALA D 86 -1.38 23.64 2.84
CA ALA D 86 -2.16 24.64 3.54
C ALA D 86 -2.61 25.75 2.60
N ARG D 87 -1.76 26.11 1.63
CA ARG D 87 -2.08 27.18 0.69
C ARG D 87 -3.17 26.81 -0.33
N PHE D 88 -3.53 25.54 -0.40
CA PHE D 88 -4.43 25.07 -1.45
C PHE D 88 -5.87 25.01 -0.99
N TRP D 89 -6.10 25.13 0.31
CA TRP D 89 -7.45 25.12 0.86
C TRP D 89 -8.08 26.52 0.76
N ILE D 90 -9.38 26.57 0.51
CA ILE D 90 -10.12 27.82 0.66
C ILE D 90 -9.98 28.27 2.12
N PRO D 91 -9.65 29.55 2.34
CA PRO D 91 -9.55 30.08 3.70
C PRO D 91 -10.72 29.60 4.55
N GLY D 92 -10.43 29.01 5.71
CA GLY D 92 -11.48 28.50 6.59
C GLY D 92 -11.73 27.01 6.41
N GLU D 93 -11.22 26.44 5.32
CA GLU D 93 -11.36 25.00 5.09
C GLU D 93 -10.05 24.32 5.45
N PRO D 94 -10.12 23.02 5.79
CA PRO D 94 -11.35 22.24 5.89
C PRO D 94 -12.08 22.50 7.22
N ASN D 95 -13.40 22.56 7.21
CA ASN D 95 -14.13 22.88 8.44
C ASN D 95 -15.02 21.76 8.99
N ASN D 96 -14.98 20.59 8.36
CA ASN D 96 -15.76 19.44 8.82
C ASN D 96 -17.19 19.82 9.19
N ALA D 97 -17.93 20.36 8.23
CA ALA D 97 -19.32 20.78 8.47
C ALA D 97 -20.18 19.59 8.91
N GLY D 98 -20.97 19.80 9.96
CA GLY D 98 -21.81 18.74 10.50
C GLY D 98 -21.04 17.50 10.93
N ASN D 99 -19.74 17.68 11.16
CA ASN D 99 -18.84 16.56 11.46
C ASN D 99 -18.93 15.42 10.46
N ASN D 100 -19.18 15.74 9.20
CA ASN D 100 -19.41 14.72 8.20
C ASN D 100 -18.72 14.99 6.86
N GLU D 101 -17.65 15.80 6.87
CA GLU D 101 -16.96 16.15 5.63
C GLU D 101 -15.58 15.51 5.55
N HIS D 102 -15.53 14.30 4.98
CA HIS D 102 -14.32 13.50 5.05
C HIS D 102 -13.66 13.28 3.69
N CYS D 103 -14.14 13.99 2.68
CA CYS D 103 -13.52 13.93 1.35
C CYS D 103 -13.33 15.34 0.83
N GLY D 104 -12.48 15.51 -0.18
CA GLY D 104 -12.14 16.84 -0.61
C GLY D 104 -12.38 17.07 -2.09
N ASN D 105 -12.72 18.31 -2.44
CA ASN D 105 -12.96 18.66 -3.83
C ASN D 105 -12.28 19.97 -4.19
N ILE D 106 -12.17 20.21 -5.50
CA ILE D 106 -11.74 21.51 -5.99
C ILE D 106 -13.02 22.31 -6.17
N LYS D 107 -13.12 23.41 -5.43
CA LYS D 107 -14.36 24.18 -5.38
C LYS D 107 -14.20 25.55 -6.04
N ALA D 108 -13.20 26.31 -5.60
CA ALA D 108 -13.06 27.68 -6.06
C ALA D 108 -12.02 27.78 -7.16
N PRO D 109 -12.27 28.60 -8.20
CA PRO D 109 -11.26 28.84 -9.23
C PRO D 109 -10.15 29.77 -8.74
N SER D 110 -9.24 29.21 -7.95
CA SER D 110 -8.19 29.95 -7.27
C SER D 110 -7.14 28.96 -6.81
N LEU D 111 -5.94 29.42 -6.52
CA LEU D 111 -4.95 28.52 -5.91
C LEU D 111 -5.50 28.04 -4.59
N GLN D 112 -6.26 28.90 -3.92
CA GLN D 112 -6.99 28.49 -2.74
C GLN D 112 -8.32 27.91 -3.18
N ALA D 113 -8.32 26.60 -3.48
CA ALA D 113 -9.44 25.98 -4.18
C ALA D 113 -10.19 24.91 -3.40
N TRP D 114 -9.55 24.24 -2.45
CA TRP D 114 -10.14 23.02 -1.91
C TRP D 114 -11.20 23.26 -0.83
N ASN D 115 -12.19 22.39 -0.84
CA ASN D 115 -13.17 22.33 0.23
C ASN D 115 -13.33 20.88 0.68
N ASP D 116 -13.54 20.66 1.99
CA ASP D 116 -14.00 19.35 2.45
C ASP D 116 -15.51 19.29 2.43
N ALA D 117 -16.04 18.18 1.91
CA ALA D 117 -17.46 17.91 1.75
C ALA D 117 -17.77 16.44 2.05
N PRO D 118 -19.06 16.08 2.24
CA PRO D 118 -19.43 14.69 2.56
C PRO D 118 -19.14 13.72 1.41
N CYS D 119 -18.46 12.61 1.70
CA CYS D 119 -18.05 11.65 0.68
C CYS D 119 -19.22 11.12 -0.13
N ASP D 120 -20.40 11.13 0.48
CA ASP D 120 -21.59 10.53 -0.11
C ASP D 120 -22.33 11.50 -1.02
N LYS D 121 -21.86 12.74 -1.07
CA LYS D 121 -22.43 13.74 -1.95
C LYS D 121 -21.89 13.59 -3.38
N THR D 122 -22.73 13.83 -4.38
CA THR D 122 -22.30 13.65 -5.77
C THR D 122 -21.75 14.93 -6.39
N PHE D 123 -20.62 14.81 -7.07
CA PHE D 123 -20.01 15.92 -7.82
C PHE D 123 -19.32 15.33 -9.04
N LEU D 124 -18.98 16.20 -10.00
CA LEU D 124 -18.04 15.80 -11.05
C LEU D 124 -16.75 15.40 -10.37
N PHE D 125 -15.82 14.79 -11.10
CA PHE D 125 -14.58 14.32 -10.48
C PHE D 125 -13.45 14.31 -11.50
N ILE D 126 -12.20 14.36 -11.01
CA ILE D 126 -11.02 14.33 -11.88
C ILE D 126 -10.12 13.12 -11.59
N CYS D 127 -9.87 12.31 -12.61
CA CYS D 127 -8.97 11.16 -12.54
C CYS D 127 -7.58 11.54 -13.04
N LYS D 128 -6.56 10.87 -12.52
CA LYS D 128 -5.19 11.15 -12.91
C LYS D 128 -4.47 9.84 -13.15
N ARG D 129 -3.79 9.75 -14.27
CA ARG D 129 -2.98 8.56 -14.51
C ARG D 129 -1.66 8.92 -15.19
N PRO D 130 -0.60 8.23 -14.80
CA PRO D 130 0.74 8.50 -15.33
C PRO D 130 0.82 8.23 -16.82
N TYR D 131 1.61 9.03 -17.52
CA TYR D 131 1.98 8.67 -18.87
C TYR D 131 3.00 7.54 -18.78
N VAL D 132 2.63 6.36 -19.28
CA VAL D 132 3.54 5.22 -19.29
C VAL D 132 3.99 4.87 -20.71
C1 MAN E . 33.83 1.55 -13.11
C2 MAN E . 32.34 1.88 -12.96
C3 MAN E . 31.58 0.78 -12.20
C4 MAN E . 31.95 -0.60 -12.71
C5 MAN E . 33.46 -0.75 -12.81
C6 MAN E . 33.87 -2.14 -13.29
O1 MAN E . 34.50 1.66 -11.85
O2 MAN E . 31.81 2.03 -14.26
O3 MAN E . 30.17 0.98 -12.27
O4 MAN E . 31.47 -1.59 -11.83
O5 MAN E . 33.97 0.26 -13.66
O6 MAN E . 33.23 -2.45 -14.51
C1 MAN E . 29.80 2.15 -11.50
C2 MAN E . 28.49 1.91 -10.74
C3 MAN E . 27.33 1.81 -11.73
C4 MAN E . 27.34 2.99 -12.67
C5 MAN E . 28.70 3.11 -13.34
C6 MAN E . 28.75 4.30 -14.29
O2 MAN E . 28.28 2.94 -9.79
O3 MAN E . 26.07 1.79 -11.07
O4 MAN E . 26.32 2.81 -13.62
O5 MAN E . 29.68 3.29 -12.33
O6 MAN E . 29.92 4.27 -15.06
CA CA F . 24.08 2.37 -12.56
C1 MAN G . -30.24 -7.93 -6.01
C2 MAN G . -28.87 -7.33 -5.67
C3 MAN G . -27.80 -7.89 -6.61
C4 MAN G . -27.87 -9.40 -6.56
C5 MAN G . -29.28 -9.89 -6.85
C6 MAN G . -29.36 -11.41 -6.73
O1 MAN G . -30.59 -7.59 -7.33
O2 MAN G . -28.53 -7.71 -4.35
O3 MAN G . -26.51 -7.48 -6.19
O4 MAN G . -26.95 -9.93 -7.49
O5 MAN G . -30.18 -9.33 -5.93
O6 MAN G . -30.63 -11.83 -7.14
CA CA H . -24.66 -8.89 -7.20
C1 MAN I . 22.53 -18.37 15.05
C2 MAN I . 21.65 -17.43 14.23
C3 MAN I . 20.64 -16.73 15.12
C4 MAN I . 19.87 -17.75 15.93
C5 MAN I . 20.85 -18.65 16.69
C6 MAN I . 20.09 -19.71 17.48
O1 MAN I . 23.34 -17.64 15.95
O2 MAN I . 20.99 -18.16 13.22
O3 MAN I . 19.73 -15.95 14.34
O4 MAN I . 19.00 -17.10 16.83
O5 MAN I . 21.71 -19.28 15.77
O6 MAN I . 20.94 -20.24 18.47
CA CA J . 17.59 -15.40 15.61
C1 MAN K . -20.87 24.96 2.27
C2 MAN K . -20.19 23.59 2.23
C3 MAN K . -19.07 23.48 3.26
C4 MAN K . -18.16 24.68 3.17
C5 MAN K . -18.97 25.99 3.17
C6 MAN K . -18.06 27.21 3.03
O1 MAN K . -21.57 25.13 3.47
O2 MAN K . -19.67 23.37 0.93
O3 MAN K . -18.29 22.31 3.04
O4 MAN K . -17.27 24.65 4.27
O5 MAN K . -19.91 25.99 2.12
O6 MAN K . -18.81 28.39 3.26
CA CA L . -16.09 22.41 4.20
#